data_7OGS
#
_entry.id   7OGS
#
_cell.length_a   64.347
_cell.length_b   66.082
_cell.length_c   202.195
_cell.angle_alpha   90.000
_cell.angle_beta   90.000
_cell.angle_gamma   90.000
#
_symmetry.space_group_name_H-M   'P 21 21 21'
#
loop_
_entity.id
_entity.type
_entity.pdbx_description
1 polymer 'Interferon regulatory factor 4'
2 polymer "DNA (5'-D(P*TP*GP*TP*AP*CP*TP*TP*TP*CP*GP*GP*TP*TP*TP*CP*AP*GP*TP*TP*A)-3')"
3 polymer "DNA (5'-D(P*AP*TP*AP*AP*CP*TP*GP*AP*AP*AP*CP*CP*GP*AP*AP*AP*GP*TP*AP*C)-3')"
#
loop_
_entity_poly.entity_id
_entity_poly.type
_entity_poly.pdbx_seq_one_letter_code
_entity_poly.pdbx_strand_id
1 'polypeptide(L)'
;MGSHHHHHHSAALEVLFQGPGGNGKLRQWLIDQIDSGKYPGLVWENEEKSIFRIPWKHAGKQDYNREEDAALFKAWALFK
GKFREGIDKPDPPTWKTRLRCALNKSNDFEELVERSQLDISDPYKVYRIVPEGAKKGAKQL
;
A,B,E,F
2 'polydeoxyribonucleotide' (DT)(DG)(DT)(DA)(DC)(DT)(DT)(DT)(DC)(DG)(DG)(DT)(DT)(DT)(DC)(DA)(DG)(DT)(DT)(DA) C,G
3 'polydeoxyribonucleotide' (DA)(DT)(DA)(DA)(DC)(DT)(DG)(DA)(DA)(DA)(DC)(DC)(DG)(DA)(DA)(DA)(DG)(DT)(DA)(DC) D,H
#
# COMPACT_ATOMS: atom_id res chain seq x y z
N GLY A 22 -18.11 -16.47 -6.50
CA GLY A 22 -17.07 -17.25 -7.14
C GLY A 22 -16.92 -18.67 -6.62
N ASN A 23 -15.98 -18.87 -5.70
CA ASN A 23 -15.64 -20.18 -5.19
C ASN A 23 -16.55 -20.62 -4.03
N GLY A 24 -17.66 -19.93 -3.80
CA GLY A 24 -18.53 -20.25 -2.69
C GLY A 24 -19.51 -21.35 -3.04
N LYS A 25 -19.51 -22.40 -2.23
CA LYS A 25 -20.43 -23.51 -2.40
C LYS A 25 -21.49 -23.63 -1.31
N LEU A 26 -21.21 -23.14 -0.09
CA LEU A 26 -22.12 -23.36 1.04
C LEU A 26 -23.46 -22.65 0.82
N ARG A 27 -23.42 -21.41 0.33
CA ARG A 27 -24.65 -20.62 0.23
C ARG A 27 -25.70 -21.33 -0.62
N GLN A 28 -25.41 -21.56 -1.90
CA GLN A 28 -26.41 -22.20 -2.77
C GLN A 28 -26.75 -23.60 -2.28
N TRP A 29 -25.75 -24.34 -1.80
CA TRP A 29 -25.99 -25.72 -1.38
C TRP A 29 -27.00 -25.78 -0.25
N LEU A 30 -26.78 -25.00 0.81
CA LEU A 30 -27.71 -25.04 1.93
C LEU A 30 -29.10 -24.62 1.48
N ILE A 31 -29.21 -23.52 0.74
CA ILE A 31 -30.48 -23.11 0.17
C ILE A 31 -31.14 -24.27 -0.55
N ASP A 32 -30.38 -24.95 -1.40
CA ASP A 32 -30.90 -26.09 -2.15
C ASP A 32 -31.44 -27.19 -1.22
N GLN A 33 -30.72 -27.51 -0.14
CA GLN A 33 -31.18 -28.56 0.77
C GLN A 33 -32.52 -28.18 1.39
N ILE A 34 -32.63 -26.95 1.90
CA ILE A 34 -33.88 -26.47 2.47
C ILE A 34 -34.99 -26.51 1.42
N ASP A 35 -34.73 -25.93 0.25
CA ASP A 35 -35.70 -25.94 -0.84
C ASP A 35 -36.10 -27.36 -1.21
N SER A 36 -35.17 -28.31 -1.09
CA SER A 36 -35.45 -29.70 -1.46
C SER A 36 -36.53 -30.30 -0.57
N GLY A 37 -36.57 -29.90 0.70
CA GLY A 37 -37.52 -30.53 1.57
C GLY A 37 -37.18 -31.96 1.90
N LYS A 38 -35.96 -32.40 1.58
CA LYS A 38 -35.61 -33.79 1.88
C LYS A 38 -35.23 -33.99 3.33
N TYR A 39 -35.11 -32.92 4.09
CA TYR A 39 -34.66 -32.99 5.47
C TYR A 39 -35.75 -32.45 6.38
N PRO A 40 -36.52 -33.33 7.03
CA PRO A 40 -37.57 -32.85 7.93
C PRO A 40 -36.99 -31.95 9.00
N GLY A 41 -37.65 -30.81 9.20
CA GLY A 41 -37.20 -29.78 10.11
C GLY A 41 -36.35 -28.69 9.47
N LEU A 42 -35.75 -28.97 8.31
CA LEU A 42 -34.96 -27.99 7.55
C LEU A 42 -35.90 -27.25 6.62
N VAL A 43 -36.40 -26.10 7.07
CA VAL A 43 -37.56 -25.45 6.45
C VAL A 43 -37.40 -23.94 6.48
N TRP A 44 -38.06 -23.27 5.54
CA TRP A 44 -38.08 -21.82 5.55
C TRP A 44 -39.04 -21.31 6.61
N GLU A 45 -38.71 -20.17 7.21
CA GLU A 45 -39.58 -19.58 8.22
C GLU A 45 -40.42 -18.43 7.68
N ASN A 46 -40.09 -17.89 6.52
CA ASN A 46 -40.90 -16.88 5.88
C ASN A 46 -40.97 -17.23 4.40
N GLU A 47 -41.80 -16.50 3.67
CA GLU A 47 -41.91 -16.76 2.25
C GLU A 47 -40.88 -16.01 1.43
N GLU A 48 -40.23 -14.99 2.00
CA GLU A 48 -39.07 -14.37 1.35
C GLU A 48 -37.89 -15.31 1.24
N LYS A 49 -37.95 -16.46 1.90
CA LYS A 49 -36.87 -17.45 1.92
C LYS A 49 -35.56 -16.78 2.35
N SER A 50 -35.65 -15.97 3.42
CA SER A 50 -34.51 -15.30 4.02
C SER A 50 -34.22 -15.73 5.45
N ILE A 51 -35.11 -16.46 6.10
CA ILE A 51 -34.85 -17.01 7.42
C ILE A 51 -35.23 -18.48 7.39
N PHE A 52 -34.40 -19.34 7.96
CA PHE A 52 -34.71 -20.77 7.90
C PHE A 52 -34.27 -21.46 9.17
N ARG A 53 -34.80 -22.67 9.35
CA ARG A 53 -34.72 -23.43 10.58
C ARG A 53 -33.92 -24.69 10.31
N ILE A 54 -32.90 -24.94 11.13
CA ILE A 54 -32.03 -26.10 10.91
C ILE A 54 -32.04 -27.02 12.13
N PRO A 55 -32.43 -28.29 11.96
CA PRO A 55 -32.50 -29.19 13.11
C PRO A 55 -31.14 -29.31 13.79
N TRP A 56 -31.16 -29.28 15.11
CA TRP A 56 -29.92 -29.25 15.83
C TRP A 56 -30.05 -30.08 17.11
N LYS A 57 -30.19 -31.40 16.92
CA LYS A 57 -30.37 -32.32 18.03
C LYS A 57 -29.01 -32.78 18.54
N HIS A 58 -28.88 -32.89 19.87
CA HIS A 58 -27.66 -33.38 20.50
C HIS A 58 -27.56 -34.88 20.32
N ALA A 59 -26.42 -35.35 19.81
CA ALA A 59 -26.24 -36.74 19.42
C ALA A 59 -26.17 -37.68 20.61
N GLY A 60 -26.09 -37.15 21.82
CA GLY A 60 -26.15 -37.99 23.00
C GLY A 60 -27.54 -38.35 23.43
N LYS A 61 -28.55 -37.56 23.05
CA LYS A 61 -29.91 -37.81 23.50
C LYS A 61 -30.46 -39.13 22.99
N GLN A 62 -31.33 -39.76 23.79
CA GLN A 62 -31.99 -40.98 23.36
C GLN A 62 -32.89 -40.72 22.17
N ASP A 63 -33.42 -39.51 22.07
CA ASP A 63 -34.20 -39.08 20.92
C ASP A 63 -33.43 -39.14 19.59
N TYR A 64 -32.11 -39.31 19.62
CA TYR A 64 -31.28 -39.21 18.43
C TYR A 64 -31.36 -40.45 17.53
N ASN A 65 -31.64 -40.24 16.25
CA ASN A 65 -31.48 -41.30 15.25
C ASN A 65 -30.39 -40.88 14.28
N ARG A 66 -29.32 -41.66 14.23
CA ARG A 66 -28.14 -41.27 13.45
C ARG A 66 -28.47 -40.96 12.00
N GLU A 67 -29.28 -41.80 11.34
CA GLU A 67 -29.54 -41.57 9.93
C GLU A 67 -30.21 -40.23 9.69
N GLU A 68 -31.34 -39.99 10.32
CA GLU A 68 -32.10 -38.80 9.96
C GLU A 68 -31.46 -37.55 10.54
N ASP A 69 -31.00 -37.61 11.79
CA ASP A 69 -30.59 -36.41 12.50
C ASP A 69 -29.25 -35.88 12.02
N ALA A 70 -28.43 -36.73 11.41
CA ALA A 70 -27.13 -36.34 10.88
C ALA A 70 -27.17 -36.26 9.37
N ALA A 71 -28.36 -36.44 8.78
CA ALA A 71 -28.48 -36.50 7.33
C ALA A 71 -27.95 -35.24 6.66
N LEU A 72 -28.25 -34.06 7.22
CA LEU A 72 -27.76 -32.83 6.63
C LEU A 72 -26.24 -32.72 6.74
N PHE A 73 -25.71 -32.97 7.93
CA PHE A 73 -24.26 -32.94 8.13
C PHE A 73 -23.56 -33.96 7.23
N LYS A 74 -24.19 -35.12 7.03
CA LYS A 74 -23.61 -36.15 6.19
C LYS A 74 -23.61 -35.69 4.74
N ALA A 75 -24.69 -35.03 4.32
CA ALA A 75 -24.77 -34.52 2.96
C ALA A 75 -23.63 -33.53 2.68
N TRP A 76 -23.40 -32.60 3.61
CA TRP A 76 -22.32 -31.64 3.44
C TRP A 76 -20.97 -32.33 3.38
N ALA A 77 -20.77 -33.36 4.20
CA ALA A 77 -19.49 -34.04 4.17
C ALA A 77 -19.26 -34.77 2.85
N LEU A 78 -20.32 -35.40 2.32
CA LEU A 78 -20.25 -36.04 1.00
C LEU A 78 -20.01 -35.01 -0.09
N PHE A 79 -20.75 -33.91 -0.04
CA PHE A 79 -20.68 -32.91 -1.10
C PHE A 79 -19.29 -32.30 -1.20
N LYS A 80 -18.64 -32.09 -0.07
CA LYS A 80 -17.30 -31.53 -0.03
C LYS A 80 -16.23 -32.61 -0.09
N GLY A 81 -16.63 -33.85 -0.36
CA GLY A 81 -15.64 -34.89 -0.56
C GLY A 81 -14.87 -35.30 0.66
N LYS A 82 -15.38 -35.01 1.85
CA LYS A 82 -14.72 -35.37 3.11
C LYS A 82 -15.24 -36.69 3.69
N PHE A 83 -16.01 -37.45 2.93
CA PHE A 83 -16.46 -38.76 3.40
C PHE A 83 -16.92 -39.55 2.18
N ARG A 84 -16.57 -40.83 2.14
CA ARG A 84 -17.03 -41.73 1.08
C ARG A 84 -17.62 -42.98 1.71
N GLU A 85 -18.81 -43.36 1.25
CA GLU A 85 -19.53 -44.48 1.86
C GLU A 85 -18.75 -45.78 1.71
N GLY A 86 -18.83 -46.62 2.74
CA GLY A 86 -18.14 -47.88 2.68
C GLY A 86 -16.64 -47.80 2.88
N ILE A 87 -16.08 -46.61 2.76
CA ILE A 87 -14.63 -46.41 2.82
C ILE A 87 -14.21 -45.73 4.13
N ASP A 88 -14.73 -44.54 4.40
CA ASP A 88 -14.44 -43.83 5.64
C ASP A 88 -15.42 -44.24 6.73
N LYS A 89 -14.93 -44.36 7.96
CA LYS A 89 -15.83 -44.65 9.07
C LYS A 89 -16.78 -43.48 9.27
N PRO A 90 -18.09 -43.74 9.43
CA PRO A 90 -19.03 -42.65 9.71
C PRO A 90 -18.68 -41.94 11.03
N ASP A 91 -18.86 -40.62 11.05
CA ASP A 91 -18.47 -39.81 12.21
C ASP A 91 -19.38 -38.59 12.31
N PRO A 92 -20.63 -38.80 12.75
CA PRO A 92 -21.59 -37.71 12.84
C PRO A 92 -21.09 -36.53 13.64
N PRO A 93 -20.39 -36.73 14.77
CA PRO A 93 -19.92 -35.54 15.51
C PRO A 93 -19.07 -34.62 14.65
N THR A 94 -18.14 -35.19 13.88
CA THR A 94 -17.25 -34.39 13.04
C THR A 94 -18.00 -33.73 11.89
N TRP A 95 -18.89 -34.46 11.23
CA TRP A 95 -19.77 -33.86 10.23
C TRP A 95 -20.47 -32.65 10.80
N LYS A 96 -21.00 -32.80 12.03
CA LYS A 96 -21.68 -31.71 12.69
C LYS A 96 -20.73 -30.53 12.95
N THR A 97 -19.56 -30.80 13.51
CA THR A 97 -18.63 -29.71 13.80
C THR A 97 -18.28 -28.94 12.54
N ARG A 98 -18.06 -29.64 11.43
CA ARG A 98 -17.71 -28.97 10.20
C ARG A 98 -18.78 -27.95 9.80
N LEU A 99 -20.03 -28.40 9.69
CA LEU A 99 -21.09 -27.51 9.22
C LEU A 99 -21.33 -26.37 10.20
N ARG A 100 -21.26 -26.65 11.50
CA ARG A 100 -21.37 -25.57 12.48
C ARG A 100 -20.31 -24.53 12.24
N CYS A 101 -19.06 -24.99 12.14
CA CYS A 101 -17.95 -24.07 11.95
C CYS A 101 -18.04 -23.34 10.62
N ALA A 102 -18.52 -24.01 9.58
CA ALA A 102 -18.74 -23.32 8.30
C ALA A 102 -19.79 -22.23 8.44
N LEU A 103 -20.92 -22.55 9.08
CA LEU A 103 -21.95 -21.54 9.28
C LEU A 103 -21.43 -20.39 10.10
N ASN A 104 -20.61 -20.68 11.12
CA ASN A 104 -20.04 -19.63 11.95
C ASN A 104 -19.21 -18.65 11.11
N LYS A 105 -18.34 -19.17 10.21
CA LYS A 105 -17.44 -18.30 9.44
C LYS A 105 -18.12 -17.68 8.24
N SER A 106 -19.18 -18.30 7.72
CA SER A 106 -19.80 -17.83 6.50
C SER A 106 -20.34 -16.43 6.67
N ASN A 107 -20.02 -15.56 5.70
CA ASN A 107 -20.65 -14.26 5.56
C ASN A 107 -22.05 -14.34 4.98
N ASP A 108 -22.45 -15.49 4.48
CA ASP A 108 -23.78 -15.66 3.90
C ASP A 108 -24.86 -15.97 4.93
N PHE A 109 -24.50 -16.45 6.12
CA PHE A 109 -25.50 -16.87 7.10
C PHE A 109 -25.18 -16.27 8.46
N GLU A 110 -26.24 -16.05 9.22
CA GLU A 110 -26.12 -15.45 10.55
C GLU A 110 -27.19 -16.08 11.44
N GLU A 111 -26.79 -16.62 12.59
CA GLU A 111 -27.76 -17.20 13.51
C GLU A 111 -28.55 -16.12 14.23
N LEU A 112 -29.86 -16.34 14.33
CA LEU A 112 -30.77 -15.54 15.15
C LEU A 112 -30.84 -16.23 16.50
N VAL A 113 -29.81 -16.00 17.31
CA VAL A 113 -29.55 -16.85 18.46
C VAL A 113 -30.73 -16.85 19.45
N GLU A 114 -31.46 -15.73 19.56
CA GLU A 114 -32.60 -15.71 20.48
C GLU A 114 -33.87 -16.24 19.84
N ARG A 115 -33.79 -16.73 18.61
CA ARG A 115 -34.90 -17.47 18.03
C ARG A 115 -34.58 -18.95 17.92
N SER A 116 -33.34 -19.34 18.19
CA SER A 116 -33.02 -20.76 18.24
C SER A 116 -33.69 -21.40 19.46
N GLN A 117 -34.11 -22.65 19.26
CA GLN A 117 -34.81 -23.41 20.26
C GLN A 117 -34.04 -24.71 20.45
N LEU A 118 -32.91 -24.62 21.12
CA LEU A 118 -32.11 -25.81 21.41
C LEU A 118 -32.66 -26.60 22.60
N ASP A 119 -33.67 -26.06 23.30
CA ASP A 119 -34.19 -26.59 24.56
C ASP A 119 -35.53 -27.29 24.42
N ILE A 120 -35.84 -27.85 23.26
CA ILE A 120 -37.14 -28.49 23.08
C ILE A 120 -36.91 -29.91 22.60
N SER A 121 -38.02 -30.65 22.47
CA SER A 121 -37.93 -32.06 22.07
C SER A 121 -37.36 -32.19 20.66
N ASP A 122 -37.73 -31.29 19.75
CA ASP A 122 -37.12 -31.24 18.42
C ASP A 122 -36.33 -29.96 18.24
N PRO A 123 -35.08 -29.90 18.68
CA PRO A 123 -34.37 -28.62 18.73
C PRO A 123 -33.92 -28.15 17.35
N TYR A 124 -33.73 -26.84 17.23
CA TYR A 124 -33.27 -26.26 15.98
C TYR A 124 -32.59 -24.91 16.22
N LYS A 125 -31.64 -24.59 15.35
CA LYS A 125 -31.11 -23.24 15.26
C LYS A 125 -31.83 -22.49 14.14
N VAL A 126 -31.95 -21.18 14.30
CA VAL A 126 -32.60 -20.33 13.31
C VAL A 126 -31.53 -19.47 12.66
N TYR A 127 -31.52 -19.42 11.32
CA TYR A 127 -30.51 -18.67 10.60
C TYR A 127 -31.14 -17.66 9.64
N ARG A 128 -30.48 -16.53 9.51
CA ARG A 128 -30.83 -15.52 8.53
C ARG A 128 -29.85 -15.65 7.37
N ILE A 129 -30.35 -15.43 6.17
CA ILE A 129 -29.49 -15.36 5.00
C ILE A 129 -29.25 -13.88 4.72
N VAL A 130 -27.97 -13.49 4.70
CA VAL A 130 -27.57 -12.11 4.44
C VAL A 130 -27.73 -11.84 2.94
N PRO A 131 -28.28 -10.69 2.54
CA PRO A 131 -28.31 -10.36 1.11
C PRO A 131 -26.90 -10.40 0.55
N GLU A 132 -26.78 -10.73 -0.73
CA GLU A 132 -25.49 -11.11 -1.30
C GLU A 132 -24.39 -10.08 -1.00
N GLY A 133 -24.71 -8.79 -1.15
CA GLY A 133 -23.67 -7.78 -1.01
C GLY A 133 -23.22 -7.55 0.43
N ALA A 134 -24.17 -7.33 1.34
CA ALA A 134 -23.86 -6.71 2.64
C ALA A 134 -22.88 -7.54 3.46
N LYS A 135 -21.75 -6.92 3.81
CA LYS A 135 -20.63 -7.55 4.56
C LYS A 135 -19.74 -6.47 5.18
N GLY B 22 16.75 -18.23 -12.86
CA GLY B 22 17.02 -16.84 -12.53
C GLY B 22 16.54 -16.40 -11.15
N ASN B 23 15.36 -15.76 -11.11
CA ASN B 23 14.84 -15.09 -9.92
C ASN B 23 14.09 -16.02 -8.95
N GLY B 24 14.24 -17.33 -9.08
CA GLY B 24 13.61 -18.18 -8.10
C GLY B 24 14.54 -18.26 -6.93
N LYS B 25 14.05 -17.95 -5.72
CA LYS B 25 14.87 -18.02 -4.52
C LYS B 25 14.55 -19.19 -3.59
N LEU B 26 13.34 -19.74 -3.63
CA LEU B 26 12.94 -20.74 -2.64
C LEU B 26 13.82 -22.00 -2.70
N ARG B 27 14.09 -22.50 -3.91
CA ARG B 27 14.80 -23.76 -4.02
C ARG B 27 16.12 -23.69 -3.27
N GLN B 28 17.02 -22.79 -3.68
CA GLN B 28 18.31 -22.73 -3.03
C GLN B 28 18.17 -22.40 -1.56
N TRP B 29 17.27 -21.47 -1.22
CA TRP B 29 17.17 -21.04 0.18
C TRP B 29 16.86 -22.20 1.11
N LEU B 30 15.83 -22.98 0.78
CA LEU B 30 15.45 -24.12 1.63
C LEU B 30 16.56 -25.18 1.67
N ILE B 31 17.11 -25.54 0.50
CA ILE B 31 18.26 -26.42 0.47
C ILE B 31 19.34 -25.91 1.41
N ASP B 32 19.63 -24.62 1.33
CA ASP B 32 20.59 -24.06 2.26
C ASP B 32 20.15 -24.24 3.71
N GLN B 33 18.87 -24.00 4.00
CA GLN B 33 18.42 -24.15 5.39
C GLN B 33 18.61 -25.58 5.86
N ILE B 34 18.18 -26.56 5.05
CA ILE B 34 18.34 -27.96 5.43
C ILE B 34 19.81 -28.28 5.63
N ASP B 35 20.66 -27.92 4.66
CA ASP B 35 22.10 -28.14 4.80
C ASP B 35 22.66 -27.45 6.03
N SER B 36 22.05 -26.33 6.43
CA SER B 36 22.58 -25.54 7.53
C SER B 36 22.57 -26.33 8.83
N GLY B 37 21.61 -27.24 9.00
CA GLY B 37 21.56 -28.01 10.23
C GLY B 37 21.20 -27.19 11.44
N LYS B 38 20.75 -25.96 11.24
CA LYS B 38 20.37 -25.07 12.32
C LYS B 38 18.94 -25.26 12.74
N TYR B 39 18.19 -26.08 12.02
CA TYR B 39 16.78 -26.26 12.29
C TYR B 39 16.58 -27.71 12.67
N PRO B 40 16.56 -28.04 13.96
CA PRO B 40 16.40 -29.44 14.35
C PRO B 40 15.17 -30.02 13.71
N GLY B 41 15.33 -31.21 13.13
CA GLY B 41 14.24 -31.85 12.43
C GLY B 41 14.19 -31.54 10.96
N LEU B 42 14.84 -30.46 10.51
CA LEU B 42 14.95 -30.11 9.10
C LEU B 42 16.20 -30.82 8.58
N VAL B 43 16.00 -32.00 7.98
CA VAL B 43 17.07 -32.95 7.75
C VAL B 43 16.84 -33.68 6.43
N TRP B 44 17.93 -34.16 5.84
CA TRP B 44 17.85 -35.01 4.66
C TRP B 44 17.44 -36.44 5.04
N GLU B 45 16.71 -37.08 4.15
CA GLU B 45 16.29 -38.46 4.35
C GLU B 45 17.14 -39.46 3.55
N ASN B 46 17.92 -38.99 2.56
CA ASN B 46 18.88 -39.83 1.84
C ASN B 46 20.16 -39.04 1.59
N GLU B 47 21.17 -39.74 1.10
CA GLU B 47 22.45 -39.10 0.88
C GLU B 47 22.52 -38.40 -0.47
N GLU B 48 21.66 -38.77 -1.42
CA GLU B 48 21.52 -37.99 -2.65
C GLU B 48 20.95 -36.61 -2.40
N LYS B 49 20.47 -36.34 -1.18
CA LYS B 49 19.87 -35.06 -0.81
C LYS B 49 18.76 -34.66 -1.77
N SER B 50 17.85 -35.59 -2.05
CA SER B 50 16.70 -35.30 -2.90
C SER B 50 15.38 -35.37 -2.13
N ILE B 51 15.41 -35.91 -0.91
CA ILE B 51 14.25 -36.02 -0.04
C ILE B 51 14.58 -35.47 1.33
N PHE B 52 13.63 -34.74 1.91
CA PHE B 52 13.92 -34.18 3.21
C PHE B 52 12.66 -34.09 4.06
N ARG B 53 12.91 -33.81 5.31
CA ARG B 53 11.94 -33.81 6.37
C ARG B 53 11.84 -32.36 6.82
N ILE B 54 10.64 -31.81 6.88
CA ILE B 54 10.44 -30.44 7.33
C ILE B 54 9.45 -30.42 8.49
N PRO B 55 9.85 -30.00 9.69
CA PRO B 55 8.97 -30.06 10.86
C PRO B 55 7.71 -29.22 10.68
N TRP B 56 6.56 -29.80 11.08
CA TRP B 56 5.23 -29.23 10.80
C TRP B 56 4.32 -29.44 12.00
N LYS B 57 4.59 -28.72 13.09
CA LYS B 57 3.81 -28.83 14.32
C LYS B 57 2.66 -27.82 14.31
N HIS B 58 1.49 -28.28 14.75
CA HIS B 58 0.35 -27.38 14.88
C HIS B 58 0.55 -26.47 16.08
N ALA B 59 0.42 -25.16 15.89
CA ALA B 59 0.75 -24.21 16.94
C ALA B 59 -0.23 -24.24 18.12
N GLY B 60 -1.32 -24.98 18.01
CA GLY B 60 -2.25 -25.12 19.10
C GLY B 60 -1.83 -26.11 20.16
N LYS B 61 -0.87 -26.97 19.84
CA LYS B 61 -0.42 -27.96 20.81
C LYS B 61 0.31 -27.32 21.99
N GLN B 62 0.24 -27.99 23.14
CA GLN B 62 1.01 -27.55 24.30
C GLN B 62 2.48 -27.70 24.03
N ASP B 63 2.81 -28.76 23.31
CA ASP B 63 4.15 -29.05 22.83
C ASP B 63 4.76 -27.91 22.00
N TYR B 64 3.96 -26.92 21.59
CA TYR B 64 4.43 -25.88 20.68
C TYR B 64 5.29 -24.87 21.41
N ASN B 65 6.51 -24.63 20.91
CA ASN B 65 7.35 -23.52 21.33
C ASN B 65 7.63 -22.62 20.14
N ARG B 66 7.17 -21.37 20.22
CA ARG B 66 7.27 -20.45 19.08
C ARG B 66 8.71 -20.28 18.61
N GLU B 67 9.64 -20.11 19.55
CA GLU B 67 11.03 -19.86 19.15
C GLU B 67 11.56 -20.99 18.27
N GLU B 68 11.46 -22.24 18.72
CA GLU B 68 12.02 -23.33 17.92
C GLU B 68 11.11 -23.72 16.77
N ASP B 69 9.83 -23.89 17.03
CA ASP B 69 8.97 -24.52 16.03
C ASP B 69 8.59 -23.60 14.88
N ALA B 70 8.74 -22.28 15.03
CA ALA B 70 8.44 -21.33 13.97
C ALA B 70 9.70 -20.74 13.36
N ALA B 71 10.87 -21.21 13.82
CA ALA B 71 12.12 -20.59 13.43
C ALA B 71 12.29 -20.59 11.91
N LEU B 72 12.00 -21.73 11.26
CA LEU B 72 12.13 -21.78 9.80
C LEU B 72 11.12 -20.88 9.10
N PHE B 73 9.84 -20.97 9.50
CA PHE B 73 8.86 -20.08 8.87
C PHE B 73 9.23 -18.62 9.08
N LYS B 74 9.80 -18.30 10.24
CA LYS B 74 10.21 -16.94 10.50
C LYS B 74 11.37 -16.56 9.60
N ALA B 75 12.33 -17.48 9.41
CA ALA B 75 13.48 -17.21 8.55
C ALA B 75 13.05 -16.86 7.13
N TRP B 76 12.09 -17.62 6.59
CA TRP B 76 11.60 -17.33 5.25
C TRP B 76 10.96 -15.94 5.21
N ALA B 77 10.25 -15.56 6.26
CA ALA B 77 9.63 -14.24 6.29
C ALA B 77 10.66 -13.11 6.34
N LEU B 78 11.78 -13.30 7.05
CA LEU B 78 12.83 -12.28 7.02
C LEU B 78 13.49 -12.23 5.66
N PHE B 79 13.84 -13.39 5.12
CA PHE B 79 14.59 -13.42 3.87
C PHE B 79 13.82 -12.73 2.75
N LYS B 80 12.50 -12.88 2.76
CA LYS B 80 11.64 -12.23 1.80
C LYS B 80 11.15 -10.86 2.26
N GLY B 81 11.69 -10.34 3.37
CA GLY B 81 11.38 -8.98 3.75
C GLY B 81 9.96 -8.76 4.21
N LYS B 82 9.26 -9.82 4.60
CA LYS B 82 7.87 -9.71 5.04
C LYS B 82 7.71 -9.60 6.56
N PHE B 83 8.80 -9.43 7.31
CA PHE B 83 8.72 -9.26 8.75
C PHE B 83 9.99 -8.61 9.25
N ARG B 84 9.84 -7.67 10.17
CA ARG B 84 11.01 -7.09 10.82
C ARG B 84 10.85 -7.13 12.34
N GLU B 85 11.88 -7.69 12.98
CA GLU B 85 11.86 -7.90 14.41
C GLU B 85 11.73 -6.57 15.14
N GLY B 86 10.99 -6.58 16.26
CA GLY B 86 10.78 -5.40 17.06
C GLY B 86 9.79 -4.42 16.51
N ILE B 87 9.46 -4.51 15.23
CA ILE B 87 8.60 -3.56 14.56
C ILE B 87 7.25 -4.17 14.23
N ASP B 88 7.24 -5.26 13.49
CA ASP B 88 6.01 -5.96 13.18
C ASP B 88 5.68 -6.96 14.27
N LYS B 89 4.40 -7.06 14.63
CA LYS B 89 3.99 -8.03 15.62
C LYS B 89 4.27 -9.43 15.10
N PRO B 90 4.90 -10.31 15.88
CA PRO B 90 5.17 -11.67 15.41
C PRO B 90 3.88 -12.39 15.11
N ASP B 91 3.89 -13.19 14.04
CA ASP B 91 2.67 -13.82 13.52
C ASP B 91 3.03 -15.14 12.83
N PRO B 92 3.39 -16.16 13.60
CA PRO B 92 3.80 -17.44 13.03
C PRO B 92 2.75 -18.06 12.12
N PRO B 93 1.46 -17.97 12.44
CA PRO B 93 0.50 -18.56 11.49
C PRO B 93 0.67 -18.01 10.10
N THR B 94 0.81 -16.70 9.95
CA THR B 94 1.02 -16.14 8.62
C THR B 94 2.37 -16.59 8.05
N TRP B 95 3.40 -16.63 8.89
CA TRP B 95 4.68 -17.18 8.46
C TRP B 95 4.50 -18.56 7.87
N LYS B 96 3.76 -19.42 8.60
CA LYS B 96 3.53 -20.79 8.15
C LYS B 96 2.74 -20.82 6.84
N THR B 97 1.64 -20.05 6.75
CA THR B 97 0.86 -20.05 5.52
C THR B 97 1.72 -19.71 4.30
N ARG B 98 2.56 -18.69 4.43
CA ARG B 98 3.42 -18.29 3.32
C ARG B 98 4.30 -19.45 2.86
N LEU B 99 5.04 -20.05 3.77
CA LEU B 99 5.91 -21.12 3.32
C LEU B 99 5.10 -22.29 2.77
N ARG B 100 3.96 -22.61 3.38
CA ARG B 100 3.15 -23.71 2.85
C ARG B 100 2.67 -23.40 1.43
N CYS B 101 2.08 -22.22 1.23
CA CYS B 101 1.58 -21.87 -0.08
C CYS B 101 2.70 -21.78 -1.11
N ALA B 102 3.88 -21.32 -0.68
CA ALA B 102 5.02 -21.31 -1.59
C ALA B 102 5.39 -22.71 -2.02
N LEU B 103 5.55 -23.64 -1.07
CA LEU B 103 5.84 -25.02 -1.40
C LEU B 103 4.74 -25.63 -2.27
N ASN B 104 3.48 -25.31 -1.97
CA ASN B 104 2.38 -25.82 -2.79
C ASN B 104 2.57 -25.44 -4.25
N LYS B 105 2.92 -24.19 -4.51
CA LYS B 105 3.05 -23.76 -5.89
C LYS B 105 4.39 -24.14 -6.50
N SER B 106 5.41 -24.39 -5.68
CA SER B 106 6.74 -24.61 -6.23
C SER B 106 6.77 -25.83 -7.14
N ASN B 107 7.36 -25.65 -8.34
CA ASN B 107 7.76 -26.74 -9.21
C ASN B 107 9.05 -27.41 -8.78
N ASP B 108 9.73 -26.85 -7.79
CA ASP B 108 10.95 -27.46 -7.27
C ASP B 108 10.69 -28.53 -6.21
N PHE B 109 9.52 -28.54 -5.57
CA PHE B 109 9.26 -29.46 -4.47
C PHE B 109 7.92 -30.15 -4.62
N GLU B 110 7.89 -31.37 -4.09
CA GLU B 110 6.72 -32.24 -4.09
C GLU B 110 6.64 -32.90 -2.73
N GLU B 111 5.49 -32.77 -2.06
CA GLU B 111 5.29 -33.52 -0.84
C GLU B 111 5.05 -34.97 -1.19
N LEU B 112 5.72 -35.86 -0.45
CA LEU B 112 5.42 -37.29 -0.51
C LEU B 112 4.37 -37.56 0.56
N VAL B 113 3.14 -37.21 0.22
CA VAL B 113 2.06 -37.09 1.21
C VAL B 113 1.89 -38.37 2.03
N GLU B 114 2.15 -39.53 1.46
CA GLU B 114 1.98 -40.77 2.18
C GLU B 114 3.21 -41.18 2.99
N ARG B 115 4.27 -40.37 2.98
CA ARG B 115 5.37 -40.55 3.89
C ARG B 115 5.47 -39.46 4.93
N SER B 116 4.69 -38.39 4.80
CA SER B 116 4.61 -37.35 5.80
C SER B 116 4.01 -37.90 7.08
N GLN B 117 4.48 -37.37 8.21
CA GLN B 117 4.12 -37.87 9.54
C GLN B 117 3.58 -36.73 10.39
N LEU B 118 2.37 -36.28 10.09
CA LEU B 118 1.79 -35.22 10.91
C LEU B 118 1.17 -35.74 12.22
N ASP B 119 1.09 -37.06 12.39
CA ASP B 119 0.34 -37.68 13.48
C ASP B 119 1.24 -38.18 14.58
N ILE B 120 2.43 -37.60 14.72
CA ILE B 120 3.36 -38.09 15.71
C ILE B 120 3.73 -36.92 16.60
N SER B 121 4.43 -37.23 17.69
CA SER B 121 4.71 -36.19 18.67
C SER B 121 5.64 -35.12 18.10
N ASP B 122 6.58 -35.48 17.24
CA ASP B 122 7.35 -34.45 16.56
C ASP B 122 7.02 -34.47 15.08
N PRO B 123 5.93 -33.82 14.66
CA PRO B 123 5.43 -34.04 13.30
C PRO B 123 6.32 -33.38 12.25
N TYR B 124 6.25 -33.94 11.04
CA TYR B 124 6.99 -33.43 9.90
C TYR B 124 6.31 -33.84 8.60
N LYS B 125 6.46 -33.01 7.58
CA LYS B 125 6.13 -33.37 6.21
C LYS B 125 7.41 -33.84 5.52
N VAL B 126 7.24 -34.70 4.53
CA VAL B 126 8.35 -35.20 3.74
C VAL B 126 8.25 -34.60 2.35
N TYR B 127 9.35 -34.04 1.87
CA TYR B 127 9.37 -33.42 0.55
C TYR B 127 10.42 -34.04 -0.36
N ARG B 128 10.05 -34.09 -1.63
CA ARG B 128 10.95 -34.44 -2.71
C ARG B 128 11.42 -33.19 -3.41
N ILE B 129 12.68 -33.17 -3.81
CA ILE B 129 13.17 -32.11 -4.68
C ILE B 129 13.11 -32.63 -6.09
N VAL B 130 12.39 -31.92 -6.94
CA VAL B 130 12.31 -32.31 -8.34
C VAL B 130 13.61 -31.91 -9.02
N PRO B 131 14.17 -32.76 -9.87
CA PRO B 131 15.34 -32.34 -10.63
C PRO B 131 15.02 -31.07 -11.40
N GLU B 132 16.05 -30.25 -11.60
CA GLU B 132 15.85 -28.89 -12.05
C GLU B 132 14.97 -28.80 -13.30
N GLY B 133 15.25 -29.64 -14.30
CA GLY B 133 14.58 -29.48 -15.58
C GLY B 133 13.11 -29.87 -15.59
N ALA B 134 12.79 -31.08 -15.13
CA ALA B 134 11.50 -31.70 -15.45
C ALA B 134 10.31 -30.89 -14.92
N LYS B 135 9.37 -30.61 -15.83
CA LYS B 135 8.16 -29.81 -15.57
C LYS B 135 7.12 -30.09 -16.66
N GLY E 22 27.58 25.41 -10.65
CA GLY E 22 27.10 26.78 -10.65
C GLY E 22 26.06 27.13 -9.59
N ASN E 23 24.77 27.10 -9.95
CA ASN E 23 23.68 27.60 -9.12
C ASN E 23 23.16 26.60 -8.09
N GLY E 24 23.85 25.48 -7.89
CA GLY E 24 23.37 24.48 -6.95
C GLY E 24 23.86 24.70 -5.54
N LYS E 25 22.96 24.79 -4.57
CA LYS E 25 23.40 24.98 -3.20
C LYS E 25 23.21 23.78 -2.27
N LEU E 26 22.27 22.88 -2.57
CA LEU E 26 21.94 21.82 -1.62
C LEU E 26 23.12 20.89 -1.36
N ARG E 27 23.85 20.49 -2.41
CA ARG E 27 24.91 19.49 -2.25
C ARG E 27 25.91 19.90 -1.18
N GLN E 28 26.59 21.01 -1.38
CA GLN E 28 27.57 21.47 -0.41
C GLN E 28 26.94 21.78 0.93
N TRP E 29 25.74 22.38 0.94
CA TRP E 29 25.12 22.79 2.19
C TRP E 29 24.87 21.58 3.09
N LEU E 30 24.22 20.56 2.54
CA LEU E 30 23.98 19.36 3.31
C LEU E 30 25.29 18.74 3.76
N ILE E 31 26.24 18.59 2.84
CA ILE E 31 27.56 18.08 3.21
C ILE E 31 28.11 18.85 4.39
N ASP E 32 28.05 20.18 4.32
CA ASP E 32 28.50 20.99 5.45
C ASP E 32 27.72 20.65 6.72
N GLN E 33 26.40 20.49 6.60
CA GLN E 33 25.59 20.18 7.78
C GLN E 33 26.03 18.87 8.42
N ILE E 34 26.21 17.83 7.61
CA ILE E 34 26.68 16.56 8.15
C ILE E 34 28.02 16.76 8.84
N ASP E 35 28.96 17.39 8.13
CA ASP E 35 30.31 17.64 8.64
C ASP E 35 30.30 18.48 9.92
N SER E 36 29.31 19.37 10.08
CA SER E 36 29.28 20.29 11.21
C SER E 36 29.21 19.57 12.54
N GLY E 37 28.51 18.45 12.59
CA GLY E 37 28.26 17.72 13.82
C GLY E 37 27.26 18.39 14.73
N LYS E 38 26.55 19.41 14.24
CA LYS E 38 25.57 20.14 15.03
C LYS E 38 24.21 19.45 15.08
N TYR E 39 24.00 18.42 14.26
CA TYR E 39 22.71 17.74 14.16
C TYR E 39 22.87 16.29 14.57
N PRO E 40 22.55 15.95 15.82
CA PRO E 40 22.74 14.57 16.26
C PRO E 40 21.96 13.59 15.39
N GLY E 41 22.63 12.53 14.96
CA GLY E 41 22.06 11.57 14.04
C GLY E 41 22.31 11.84 12.58
N LEU E 42 22.69 13.07 12.24
CA LEU E 42 23.09 13.42 10.88
C LEU E 42 24.58 13.16 10.78
N VAL E 43 24.96 12.00 10.25
CA VAL E 43 26.29 11.45 10.42
C VAL E 43 26.71 10.73 9.15
N TRP E 44 28.02 10.64 8.94
CA TRP E 44 28.53 9.84 7.84
C TRP E 44 28.50 8.36 8.18
N GLU E 45 28.25 7.54 7.18
CA GLU E 45 28.24 6.10 7.38
C GLU E 45 29.52 5.43 6.92
N ASN E 46 30.34 6.10 6.13
CA ASN E 46 31.64 5.56 5.73
C ASN E 46 32.67 6.69 5.83
N GLU E 47 33.94 6.33 5.69
CA GLU E 47 34.97 7.33 5.80
C GLU E 47 35.21 8.06 4.49
N GLU E 48 34.78 7.47 3.37
CA GLU E 48 34.75 8.13 2.08
C GLU E 48 33.77 9.29 2.05
N LYS E 49 32.94 9.41 3.09
CA LYS E 49 31.95 10.47 3.20
C LYS E 49 31.07 10.55 1.95
N SER E 50 30.62 9.39 1.49
CA SER E 50 29.71 9.32 0.34
C SER E 50 28.34 8.78 0.71
N ILE E 51 28.18 8.20 1.89
CA ILE E 51 26.90 7.69 2.35
C ILE E 51 26.65 8.26 3.74
N PHE E 52 25.41 8.69 3.98
CA PHE E 52 25.15 9.34 5.25
C PHE E 52 23.73 9.05 5.74
N ARG E 53 23.52 9.41 6.99
CA ARG E 53 22.32 9.09 7.74
C ARG E 53 21.63 10.41 8.07
N ILE E 54 20.35 10.54 7.76
CA ILE E 54 19.62 11.78 8.04
C ILE E 54 18.40 11.49 8.92
N PRO E 55 18.33 12.05 10.13
CA PRO E 55 17.22 11.73 11.03
C PRO E 55 15.90 12.14 10.43
N TRP E 56 14.89 11.28 10.57
CA TRP E 56 13.62 11.44 9.89
C TRP E 56 12.48 11.00 10.82
N LYS E 57 12.25 11.74 11.91
CA LYS E 57 11.22 11.38 12.87
C LYS E 57 9.90 12.03 12.47
N HIS E 58 8.83 11.26 12.61
CA HIS E 58 7.50 11.74 12.31
C HIS E 58 7.03 12.68 13.42
N ALA E 59 6.52 13.85 13.03
CA ALA E 59 6.19 14.84 14.05
C ALA E 59 4.99 14.44 14.90
N GLY E 60 4.27 13.38 14.50
CA GLY E 60 3.16 12.95 15.31
C GLY E 60 3.56 12.15 16.50
N LYS E 61 4.75 11.56 16.50
CA LYS E 61 5.16 10.77 17.65
C LYS E 61 5.35 11.64 18.89
N GLN E 62 5.09 11.05 20.05
CA GLN E 62 5.32 11.72 21.33
C GLN E 62 6.80 11.95 21.58
N ASP E 63 7.61 11.01 21.11
CA ASP E 63 9.06 11.09 21.15
C ASP E 63 9.59 12.35 20.47
N TYR E 64 8.74 13.05 19.71
CA TYR E 64 9.15 14.17 18.86
C TYR E 64 9.44 15.41 19.68
N ASN E 65 10.62 16.00 19.44
CA ASN E 65 10.95 17.30 19.99
C ASN E 65 11.24 18.25 18.82
N ARG E 66 10.37 19.27 18.65
CA ARG E 66 10.43 20.14 17.49
C ARG E 66 11.80 20.78 17.34
N GLU E 67 12.32 21.34 18.43
CA GLU E 67 13.60 22.03 18.34
C GLU E 67 14.67 21.10 17.81
N GLU E 68 14.79 19.93 18.41
CA GLU E 68 15.87 19.04 17.97
C GLU E 68 15.51 18.32 16.67
N ASP E 69 14.31 17.75 16.58
CA ASP E 69 14.01 16.85 15.48
C ASP E 69 13.70 17.56 14.17
N ALA E 70 13.42 18.86 14.21
CA ALA E 70 13.17 19.62 12.99
C ALA E 70 14.29 20.58 12.68
N ALA E 71 15.36 20.56 13.50
CA ALA E 71 16.38 21.60 13.42
C ALA E 71 16.98 21.69 12.01
N LEU E 72 17.29 20.54 11.39
CA LEU E 72 17.88 20.56 10.07
C LEU E 72 16.91 21.10 9.03
N PHE E 73 15.66 20.61 9.05
CA PHE E 73 14.66 21.13 8.12
C PHE E 73 14.49 22.62 8.31
N LYS E 74 14.58 23.08 9.55
CA LYS E 74 14.50 24.51 9.78
C LYS E 74 15.72 25.22 9.21
N ALA E 75 16.92 24.65 9.39
CA ALA E 75 18.12 25.31 8.89
C ALA E 75 18.04 25.52 7.39
N TRP E 76 17.60 24.51 6.65
CA TRP E 76 17.44 24.67 5.20
C TRP E 76 16.41 25.73 4.86
N ALA E 77 15.34 25.82 5.64
CA ALA E 77 14.36 26.86 5.38
C ALA E 77 14.95 28.24 5.63
N LEU E 78 15.83 28.38 6.64
CA LEU E 78 16.54 29.65 6.83
C LEU E 78 17.53 29.91 5.71
N PHE E 79 18.31 28.89 5.32
CA PHE E 79 19.35 29.09 4.32
C PHE E 79 18.76 29.56 3.01
N LYS E 80 17.60 29.02 2.64
CA LYS E 80 16.93 29.39 1.40
C LYS E 80 15.95 30.55 1.60
N GLY E 81 15.93 31.14 2.80
CA GLY E 81 15.17 32.34 3.03
C GLY E 81 13.68 32.15 3.04
N LYS E 82 13.19 30.91 3.22
CA LYS E 82 11.76 30.66 3.22
C LYS E 82 11.15 30.71 4.62
N PHE E 83 11.90 31.19 5.61
CA PHE E 83 11.39 31.35 6.96
C PHE E 83 12.30 32.35 7.67
N ARG E 84 11.70 33.29 8.39
CA ARG E 84 12.47 34.26 9.18
C ARG E 84 11.97 34.23 10.62
N GLU E 85 12.91 34.11 11.55
CA GLU E 85 12.54 33.94 12.96
C GLU E 85 11.76 35.14 13.46
N GLY E 86 10.82 34.88 14.37
CA GLY E 86 9.99 35.91 14.96
C GLY E 86 8.92 36.46 14.04
N ILE E 87 9.05 36.23 12.74
CA ILE E 87 8.17 36.83 11.75
C ILE E 87 7.20 35.80 11.16
N ASP E 88 7.71 34.74 10.57
CA ASP E 88 6.86 33.68 10.04
C ASP E 88 6.58 32.65 11.13
N LYS E 89 5.36 32.14 11.17
CA LYS E 89 4.99 31.09 12.13
C LYS E 89 5.80 29.82 11.85
N PRO E 90 6.38 29.18 12.88
CA PRO E 90 7.12 27.94 12.64
C PRO E 90 6.20 26.88 12.04
N ASP E 91 6.75 26.12 11.11
CA ASP E 91 5.97 25.15 10.34
C ASP E 91 6.87 23.98 9.97
N PRO E 92 7.20 23.14 10.95
CA PRO E 92 8.08 22.01 10.69
C PRO E 92 7.57 21.12 9.55
N PRO E 93 6.26 20.84 9.46
CA PRO E 93 5.82 20.02 8.32
C PRO E 93 6.22 20.56 6.97
N THR E 94 6.06 21.87 6.74
CA THR E 94 6.47 22.43 5.45
C THR E 94 7.98 22.39 5.26
N TRP E 95 8.74 22.73 6.32
CA TRP E 95 10.18 22.61 6.25
C TRP E 95 10.58 21.22 5.79
N LYS E 96 9.98 20.20 6.42
CA LYS E 96 10.30 18.82 6.10
C LYS E 96 9.95 18.48 4.65
N THR E 97 8.73 18.83 4.23
CA THR E 97 8.33 18.52 2.85
C THR E 97 9.30 19.13 1.84
N ARG E 98 9.70 20.37 2.07
CA ARG E 98 10.62 21.03 1.15
C ARG E 98 11.90 20.20 0.99
N LEU E 99 12.54 19.85 2.10
CA LEU E 99 13.80 19.12 2.01
C LEU E 99 13.60 17.74 1.40
N ARG E 100 12.51 17.07 1.75
CA ARG E 100 12.23 15.78 1.11
C ARG E 100 12.14 15.97 -0.39
N CYS E 101 11.30 16.91 -0.83
CA CYS E 101 11.12 17.11 -2.26
C CYS E 101 12.41 17.54 -2.93
N ALA E 102 13.23 18.35 -2.25
CA ALA E 102 14.52 18.70 -2.82
C ALA E 102 15.37 17.46 -3.01
N LEU E 103 15.47 16.64 -1.98
CA LEU E 103 16.26 15.42 -2.07
C LEU E 103 15.71 14.51 -3.15
N ASN E 104 14.39 14.47 -3.28
CA ASN E 104 13.80 13.63 -4.31
C ASN E 104 14.31 14.02 -5.69
N LYS E 105 14.39 15.32 -5.99
CA LYS E 105 14.81 15.75 -7.33
C LYS E 105 16.31 15.78 -7.49
N SER E 106 17.07 15.92 -6.41
CA SER E 106 18.49 16.23 -6.55
C SER E 106 19.17 15.18 -7.39
N ASN E 107 19.96 15.64 -8.36
CA ASN E 107 20.86 14.70 -8.98
C ASN E 107 22.06 14.41 -8.11
N ASP E 108 22.22 15.15 -7.02
CA ASP E 108 23.35 14.94 -6.14
C ASP E 108 23.13 13.88 -5.07
N PHE E 109 21.88 13.52 -4.77
CA PHE E 109 21.62 12.56 -3.69
C PHE E 109 20.62 11.50 -4.14
N GLU E 110 20.80 10.30 -3.60
CA GLU E 110 20.00 9.12 -3.88
C GLU E 110 19.80 8.36 -2.58
N GLU E 111 18.55 8.04 -2.25
CA GLU E 111 18.31 7.26 -1.04
C GLU E 111 18.75 5.82 -1.26
N LEU E 112 19.43 5.26 -0.25
CA LEU E 112 19.65 3.81 -0.19
C LEU E 112 18.45 3.23 0.55
N VAL E 113 17.36 3.09 -0.21
CA VAL E 113 16.05 2.89 0.40
C VAL E 113 16.05 1.68 1.32
N GLU E 114 16.84 0.67 1.01
CA GLU E 114 16.87 -0.53 1.82
C GLU E 114 17.85 -0.46 2.99
N ARG E 115 18.53 0.66 3.18
CA ARG E 115 19.29 0.88 4.39
C ARG E 115 18.65 1.92 5.28
N SER E 116 17.58 2.57 4.81
CA SER E 116 16.81 3.47 5.66
C SER E 116 16.03 2.69 6.72
N GLN E 117 15.94 3.28 7.90
CA GLN E 117 15.33 2.69 9.09
C GLN E 117 14.29 3.71 9.55
N LEU E 118 13.16 3.78 8.86
CA LEU E 118 12.10 4.68 9.30
C LEU E 118 11.26 4.10 10.43
N ASP E 119 11.51 2.87 10.84
CA ASP E 119 10.64 2.17 11.77
C ASP E 119 11.26 1.92 13.13
N ILE E 120 12.24 2.72 13.54
CA ILE E 120 12.87 2.43 14.82
C ILE E 120 12.72 3.65 15.70
N SER E 121 13.12 3.55 16.97
CA SER E 121 12.85 4.63 17.90
C SER E 121 13.58 5.92 17.51
N ASP E 122 14.79 5.83 16.96
CA ASP E 122 15.46 7.00 16.39
C ASP E 122 15.57 6.84 14.88
N PRO E 123 14.53 7.18 14.12
CA PRO E 123 14.49 6.79 12.71
C PRO E 123 15.40 7.66 11.87
N TYR E 124 15.82 7.10 10.74
CA TYR E 124 16.64 7.84 9.79
C TYR E 124 16.50 7.24 8.41
N LYS E 125 16.65 8.10 7.41
CA LYS E 125 16.84 7.68 6.03
C LYS E 125 18.34 7.67 5.74
N VAL E 126 18.75 6.82 4.80
CA VAL E 126 20.16 6.75 4.40
C VAL E 126 20.29 7.22 2.96
N TYR E 127 21.27 8.10 2.71
CA TYR E 127 21.51 8.65 1.39
C TYR E 127 22.93 8.42 0.91
N ARG E 128 23.05 8.15 -0.38
CA ARG E 128 24.32 8.07 -1.09
C ARG E 128 24.48 9.37 -1.86
N ILE E 129 25.70 9.90 -1.88
CA ILE E 129 26.01 11.09 -2.67
C ILE E 129 26.56 10.63 -4.02
N VAL E 130 25.93 11.10 -5.08
CA VAL E 130 26.41 10.73 -6.41
C VAL E 130 27.70 11.48 -6.69
N PRO E 131 28.73 10.82 -7.24
CA PRO E 131 29.93 11.57 -7.67
C PRO E 131 29.54 12.60 -8.70
N GLU E 132 30.28 13.72 -8.72
CA GLU E 132 29.81 14.93 -9.41
C GLU E 132 29.39 14.63 -10.86
N GLY E 133 30.16 13.79 -11.56
CA GLY E 133 29.91 13.59 -12.98
C GLY E 133 28.64 12.80 -13.29
N ALA E 134 28.48 11.62 -12.67
CA ALA E 134 27.47 10.65 -13.13
C ALA E 134 26.04 11.17 -12.98
N LYS E 135 25.29 11.16 -14.09
CA LYS E 135 23.89 11.60 -14.16
C LYS E 135 23.22 11.03 -15.41
N GLY F 22 10.93 46.96 -32.91
CA GLY F 22 11.09 46.23 -34.16
C GLY F 22 10.61 44.80 -34.07
N ASN F 23 11.53 43.85 -33.87
CA ASN F 23 11.16 42.43 -33.93
C ASN F 23 10.61 41.88 -32.61
N GLY F 24 10.22 42.77 -31.70
CA GLY F 24 9.59 42.31 -30.49
C GLY F 24 8.13 42.13 -30.82
N LYS F 25 7.61 40.95 -30.52
CA LYS F 25 6.22 40.67 -30.79
C LYS F 25 5.36 40.60 -29.54
N LEU F 26 5.94 40.33 -28.37
CA LEU F 26 5.12 40.11 -27.19
C LEU F 26 4.32 41.36 -26.85
N ARG F 27 4.98 42.52 -26.87
CA ARG F 27 4.34 43.74 -26.41
C ARG F 27 3.01 43.97 -27.13
N GLN F 28 3.04 44.15 -28.45
CA GLN F 28 1.81 44.42 -29.18
C GLN F 28 0.82 43.27 -29.07
N TRP F 29 1.32 42.03 -29.13
CA TRP F 29 0.44 40.88 -29.11
C TRP F 29 -0.36 40.83 -27.81
N LEU F 30 0.32 40.92 -26.67
CA LEU F 30 -0.38 40.87 -25.40
C LEU F 30 -1.37 42.03 -25.29
N ILE F 31 -0.92 43.24 -25.60
CA ILE F 31 -1.82 44.40 -25.64
C ILE F 31 -3.07 44.08 -26.44
N ASP F 32 -2.88 43.52 -27.64
CA ASP F 32 -4.02 43.14 -28.45
C ASP F 32 -4.94 42.19 -27.68
N GLN F 33 -4.37 41.19 -27.01
CA GLN F 33 -5.19 40.19 -26.32
C GLN F 33 -6.06 40.84 -25.25
N ILE F 34 -5.44 41.67 -24.40
CA ILE F 34 -6.21 42.37 -23.37
C ILE F 34 -7.29 43.21 -24.02
N ASP F 35 -6.91 43.99 -25.04
CA ASP F 35 -7.87 44.83 -25.76
C ASP F 35 -8.99 43.99 -26.35
N SER F 36 -8.70 42.74 -26.71
CA SER F 36 -9.69 41.89 -27.34
C SER F 36 -10.88 41.66 -26.41
N GLY F 37 -10.65 41.62 -25.09
CA GLY F 37 -11.72 41.33 -24.18
C GLY F 37 -12.20 39.90 -24.27
N LYS F 38 -11.48 39.07 -25.01
CA LYS F 38 -11.80 37.68 -25.24
C LYS F 38 -11.31 36.77 -24.12
N TYR F 39 -10.54 37.31 -23.18
CA TYR F 39 -9.93 36.51 -22.12
C TYR F 39 -10.48 37.00 -20.79
N PRO F 40 -11.50 36.32 -20.26
CA PRO F 40 -12.16 36.80 -19.03
C PRO F 40 -11.14 36.95 -17.92
N GLY F 41 -11.17 38.11 -17.27
CA GLY F 41 -10.21 38.41 -16.25
C GLY F 41 -8.97 39.09 -16.77
N LEU F 42 -8.70 39.01 -18.07
CA LEU F 42 -7.59 39.70 -18.72
C LEU F 42 -8.10 41.07 -19.10
N VAL F 43 -7.87 42.04 -18.22
CA VAL F 43 -8.57 43.32 -18.25
C VAL F 43 -7.62 44.43 -17.85
N TRP F 44 -7.95 45.63 -18.26
CA TRP F 44 -7.23 46.82 -17.84
C TRP F 44 -7.64 47.22 -16.43
N GLU F 45 -6.68 47.80 -15.69
CA GLU F 45 -6.98 48.27 -14.35
C GLU F 45 -7.19 49.78 -14.28
N ASN F 46 -6.78 50.53 -15.32
CA ASN F 46 -7.04 51.96 -15.41
C ASN F 46 -7.47 52.27 -16.83
N GLU F 47 -7.82 53.53 -17.05
CA GLU F 47 -8.20 53.95 -18.39
C GLU F 47 -7.01 54.40 -19.22
N GLU F 48 -5.88 54.72 -18.60
CA GLU F 48 -4.64 54.97 -19.34
C GLU F 48 -4.10 53.74 -20.04
N LYS F 49 -4.66 52.56 -19.78
CA LYS F 49 -4.19 51.33 -20.39
C LYS F 49 -2.69 51.17 -20.17
N SER F 50 -2.29 51.39 -18.92
CA SER F 50 -0.91 51.23 -18.50
C SER F 50 -0.71 50.11 -17.49
N ILE F 51 -1.77 49.64 -16.86
CA ILE F 51 -1.73 48.52 -15.91
C ILE F 51 -2.83 47.53 -16.27
N PHE F 52 -2.53 46.24 -16.16
CA PHE F 52 -3.54 45.25 -16.52
C PHE F 52 -3.43 44.02 -15.62
N ARG F 53 -4.47 43.19 -15.72
CA ARG F 53 -4.71 42.03 -14.87
C ARG F 53 -4.64 40.79 -15.75
N ILE F 54 -3.84 39.79 -15.34
CA ILE F 54 -3.70 38.58 -16.12
C ILE F 54 -3.99 37.36 -15.25
N PRO F 55 -4.99 36.56 -15.57
CA PRO F 55 -5.39 35.42 -14.71
C PRO F 55 -4.30 34.37 -14.60
N TRP F 56 -4.09 33.89 -13.36
CA TRP F 56 -2.95 33.03 -13.05
C TRP F 56 -3.35 31.93 -12.06
N LYS F 57 -4.18 31.02 -12.52
CA LYS F 57 -4.62 29.92 -11.66
C LYS F 57 -3.65 28.75 -11.76
N HIS F 58 -3.43 28.11 -10.61
CA HIS F 58 -2.61 26.92 -10.59
C HIS F 58 -3.40 25.78 -11.22
N ALA F 59 -2.79 25.09 -12.18
CA ALA F 59 -3.53 24.07 -12.93
C ALA F 59 -3.92 22.88 -12.08
N GLY F 60 -3.44 22.80 -10.84
CA GLY F 60 -3.80 21.71 -9.96
C GLY F 60 -5.09 21.90 -9.19
N LYS F 61 -5.57 23.13 -9.06
CA LYS F 61 -6.77 23.36 -8.28
C LYS F 61 -7.98 22.70 -8.94
N GLN F 62 -8.97 22.31 -8.13
CA GLN F 62 -10.22 21.79 -8.68
C GLN F 62 -10.95 22.84 -9.48
N ASP F 63 -10.81 24.10 -9.08
CA ASP F 63 -11.36 25.23 -9.79
C ASP F 63 -10.90 25.33 -11.25
N TYR F 64 -9.85 24.61 -11.64
CA TYR F 64 -9.21 24.78 -12.93
C TYR F 64 -10.01 24.14 -14.07
N ASN F 65 -10.25 24.91 -15.13
CA ASN F 65 -10.78 24.42 -16.40
C ASN F 65 -9.75 24.67 -17.48
N ARG F 66 -9.21 23.59 -18.06
CA ARG F 66 -8.10 23.74 -19.02
C ARG F 66 -8.48 24.68 -20.16
N GLU F 67 -9.69 24.51 -20.70
CA GLU F 67 -10.10 25.34 -21.84
C GLU F 67 -10.06 26.82 -21.46
N GLU F 68 -10.73 27.21 -20.38
CA GLU F 68 -10.84 28.63 -20.09
C GLU F 68 -9.55 29.20 -19.51
N ASP F 69 -8.94 28.50 -18.55
CA ASP F 69 -7.86 29.08 -17.78
C ASP F 69 -6.52 29.10 -18.52
N ALA F 70 -6.35 28.26 -19.55
CA ALA F 70 -5.10 28.21 -20.28
C ALA F 70 -5.19 28.86 -21.65
N ALA F 71 -6.33 29.44 -21.99
CA ALA F 71 -6.55 29.95 -23.33
C ALA F 71 -5.48 30.96 -23.73
N LEU F 72 -5.13 31.87 -22.81
CA LEU F 72 -4.14 32.88 -23.14
C LEU F 72 -2.76 32.27 -23.37
N PHE F 73 -2.31 31.40 -22.47
CA PHE F 73 -1.03 30.73 -22.67
C PHE F 73 -1.02 29.97 -23.99
N LYS F 74 -2.16 29.40 -24.36
CA LYS F 74 -2.24 28.63 -25.60
C LYS F 74 -2.14 29.54 -26.81
N ALA F 75 -2.85 30.68 -26.77
CA ALA F 75 -2.84 31.60 -27.90
C ALA F 75 -1.42 32.04 -28.22
N TRP F 76 -0.64 32.35 -27.18
CA TRP F 76 0.76 32.71 -27.36
C TRP F 76 1.54 31.55 -27.98
N ALA F 77 1.25 30.32 -27.55
CA ALA F 77 1.95 29.18 -28.11
C ALA F 77 1.60 29.00 -29.59
N LEU F 78 0.34 29.28 -29.96
CA LEU F 78 -0.05 29.30 -31.37
C LEU F 78 0.59 30.45 -32.13
N PHE F 79 0.55 31.65 -31.54
CA PHE F 79 1.02 32.84 -32.25
C PHE F 79 2.48 32.71 -32.62
N LYS F 80 3.27 32.15 -31.73
CA LYS F 80 4.68 31.93 -31.94
C LYS F 80 4.96 30.59 -32.56
N GLY F 81 3.91 29.85 -32.93
CA GLY F 81 4.11 28.61 -33.65
C GLY F 81 4.70 27.46 -32.85
N LYS F 82 4.64 27.49 -31.51
CA LYS F 82 5.16 26.39 -30.70
C LYS F 82 4.12 25.33 -30.39
N PHE F 83 2.95 25.41 -31.03
CA PHE F 83 1.92 24.41 -30.84
C PHE F 83 0.98 24.50 -32.04
N ARG F 84 0.60 23.33 -32.57
CA ARG F 84 -0.33 23.23 -33.69
C ARG F 84 -1.46 22.28 -33.34
N GLU F 85 -2.70 22.75 -33.53
CA GLU F 85 -3.85 21.97 -33.08
C GLU F 85 -3.97 20.63 -33.82
N GLY F 86 -4.47 19.62 -33.11
CA GLY F 86 -4.63 18.29 -33.65
C GLY F 86 -3.34 17.51 -33.78
N ILE F 87 -2.20 18.18 -33.74
CA ILE F 87 -0.90 17.57 -34.02
C ILE F 87 -0.08 17.42 -32.74
N ASP F 88 0.20 18.51 -32.06
CA ASP F 88 0.99 18.49 -30.84
C ASP F 88 0.09 18.24 -29.63
N LYS F 89 0.61 17.47 -28.67
CA LYS F 89 -0.14 17.22 -27.45
C LYS F 89 -0.31 18.55 -26.69
N PRO F 90 -1.51 18.88 -26.22
CA PRO F 90 -1.65 20.11 -25.44
C PRO F 90 -0.76 20.00 -24.21
N ASP F 91 -0.16 21.12 -23.83
CA ASP F 91 0.80 21.13 -22.72
C ASP F 91 0.74 22.48 -22.00
N PRO F 92 -0.35 22.74 -21.31
CA PRO F 92 -0.51 24.04 -20.62
C PRO F 92 0.62 24.33 -19.64
N PRO F 93 1.14 23.34 -18.90
CA PRO F 93 2.26 23.69 -18.01
C PRO F 93 3.37 24.36 -18.77
N THR F 94 3.70 23.83 -19.95
CA THR F 94 4.75 24.46 -20.75
C THR F 94 4.35 25.82 -21.27
N TRP F 95 3.15 25.91 -21.86
CA TRP F 95 2.63 27.19 -22.32
C TRP F 95 2.71 28.22 -21.21
N LYS F 96 2.33 27.82 -19.99
CA LYS F 96 2.39 28.74 -18.86
C LYS F 96 3.83 29.14 -18.55
N THR F 97 4.75 28.17 -18.44
CA THR F 97 6.14 28.55 -18.14
C THR F 97 6.67 29.51 -19.19
N ARG F 98 6.41 29.19 -20.45
CA ARG F 98 6.88 29.99 -21.56
C ARG F 98 6.45 31.44 -21.42
N LEU F 99 5.16 31.67 -21.23
CA LEU F 99 4.68 33.04 -21.09
C LEU F 99 5.21 33.72 -19.82
N ARG F 100 5.29 32.98 -18.71
CA ARG F 100 5.81 33.55 -17.48
C ARG F 100 7.24 34.04 -17.69
N CYS F 101 8.07 33.18 -18.27
CA CYS F 101 9.47 33.53 -18.50
C CYS F 101 9.60 34.71 -19.47
N ALA F 102 8.74 34.79 -20.50
CA ALA F 102 8.78 35.95 -21.39
C ALA F 102 8.50 37.24 -20.63
N LEU F 103 7.41 37.25 -19.84
CA LEU F 103 7.05 38.43 -19.05
C LEU F 103 8.16 38.80 -18.08
N ASN F 104 8.79 37.79 -17.48
CA ASN F 104 9.93 38.04 -16.61
C ASN F 104 11.04 38.75 -17.36
N LYS F 105 11.33 38.32 -18.57
CA LYS F 105 12.44 38.90 -19.30
C LYS F 105 12.05 40.18 -20.03
N SER F 106 10.77 40.39 -20.32
CA SER F 106 10.39 41.53 -21.13
C SER F 106 10.79 42.84 -20.48
N ASN F 107 11.40 43.71 -21.27
CA ASN F 107 11.57 45.09 -20.85
C ASN F 107 10.27 45.89 -20.99
N ASP F 108 9.26 45.31 -21.66
CA ASP F 108 7.98 45.98 -21.92
C ASP F 108 7.00 45.86 -20.77
N PHE F 109 7.21 44.92 -19.83
CA PHE F 109 6.28 44.66 -18.75
C PHE F 109 7.02 44.54 -17.43
N GLU F 110 6.32 44.88 -16.36
CA GLU F 110 6.84 44.79 -15.00
C GLU F 110 5.68 44.37 -14.11
N GLU F 111 5.87 43.30 -13.32
CA GLU F 111 4.86 42.94 -12.35
C GLU F 111 4.88 43.90 -11.18
N LEU F 112 3.68 44.31 -10.75
CA LEU F 112 3.51 45.03 -9.51
C LEU F 112 3.24 43.97 -8.45
N VAL F 113 4.34 43.36 -7.99
CA VAL F 113 4.29 42.09 -7.28
C VAL F 113 3.36 42.15 -6.06
N GLU F 114 3.26 43.32 -5.43
CA GLU F 114 2.42 43.48 -4.24
C GLU F 114 0.97 43.83 -4.54
N ARG F 115 0.59 43.96 -5.80
CA ARG F 115 -0.81 44.09 -6.19
C ARG F 115 -1.34 42.83 -6.84
N SER F 116 -0.47 41.86 -7.13
CA SER F 116 -0.88 40.56 -7.62
C SER F 116 -1.64 39.80 -6.53
N GLN F 117 -2.66 39.07 -6.93
CA GLN F 117 -3.54 38.36 -6.01
C GLN F 117 -3.54 36.88 -6.39
N LEU F 118 -2.44 36.21 -6.07
CA LEU F 118 -2.35 34.80 -6.35
C LEU F 118 -3.09 33.95 -5.33
N ASP F 119 -3.58 34.56 -4.24
CA ASP F 119 -4.12 33.82 -3.10
C ASP F 119 -5.63 33.94 -2.97
N ILE F 120 -6.35 34.11 -4.08
CA ILE F 120 -7.80 34.28 -4.04
C ILE F 120 -8.45 33.21 -4.92
N SER F 121 -9.78 33.22 -4.97
CA SER F 121 -10.52 32.20 -5.70
C SER F 121 -10.20 32.22 -7.19
N ASP F 122 -10.13 33.42 -7.77
CA ASP F 122 -9.78 33.66 -9.17
C ASP F 122 -8.46 34.41 -9.23
N PRO F 123 -7.32 33.72 -9.20
CA PRO F 123 -6.05 34.44 -9.00
C PRO F 123 -5.64 35.23 -10.23
N TYR F 124 -4.84 36.26 -9.98
CA TYR F 124 -4.33 37.04 -11.10
C TYR F 124 -3.04 37.73 -10.68
N LYS F 125 -2.18 37.96 -11.67
CA LYS F 125 -1.02 38.84 -11.54
C LYS F 125 -1.38 40.21 -12.09
N VAL F 126 -0.71 41.25 -11.57
CA VAL F 126 -0.88 42.61 -12.06
C VAL F 126 0.43 43.05 -12.69
N TYR F 127 0.35 43.57 -13.90
CA TYR F 127 1.53 44.00 -14.64
C TYR F 127 1.39 45.47 -15.02
N ARG F 128 2.52 46.17 -14.96
CA ARG F 128 2.64 47.52 -15.45
C ARG F 128 3.31 47.44 -16.82
N ILE F 129 2.90 48.29 -17.73
CA ILE F 129 3.55 48.41 -19.03
C ILE F 129 4.54 49.55 -18.96
N VAL F 130 5.80 49.27 -19.28
CA VAL F 130 6.81 50.32 -19.30
C VAL F 130 6.61 51.15 -20.57
N PRO F 131 6.65 52.48 -20.47
CA PRO F 131 6.66 53.31 -21.67
C PRO F 131 7.85 53.00 -22.54
N GLU F 132 7.67 53.20 -23.85
CA GLU F 132 8.55 52.59 -24.85
C GLU F 132 10.03 52.88 -24.60
N GLY F 133 10.37 54.14 -24.31
CA GLY F 133 11.78 54.51 -24.22
C GLY F 133 12.48 53.95 -22.98
N ALA F 134 11.89 54.19 -21.81
CA ALA F 134 12.61 53.98 -20.55
C ALA F 134 13.03 52.52 -20.38
N LYS F 135 14.33 52.29 -20.15
CA LYS F 135 14.92 50.95 -19.96
C LYS F 135 16.28 51.06 -19.25
#